data_8I69
#
_entry.id   8I69
#
_cell.length_a   39.110
_cell.length_b   64.140
_cell.length_c   45.280
_cell.angle_alpha   90.00
_cell.angle_beta   112.48
_cell.angle_gamma   90.00
#
_symmetry.space_group_name_H-M   'P 1 21 1'
#
loop_
_entity.id
_entity.type
_entity.pdbx_description
1 polymer 'Uracil-DNA glycosylase'
2 non-polymer '5-FLUORO-2,6-DIOXO-1,2,3,6-TETRAHYDROPYRIMIDINE-4-CARBOXYLIC ACID'
3 non-polymer 'CITRIC ACID'
4 non-polymer 1,2-ETHANEDIOL
5 water water
#
_entity_poly.entity_id   1
_entity_poly.type   'polypeptide(L)'
_entity_poly.pdbx_seq_one_letter_code
;MHHHHHHGMASMTARPLSELVERGWAAALEPVADQVAHMGQFLRAEIAAGRRYLPAGSNVLRAFTFPFDNVRVLIVGQDP
YPTPGHAVGLSFSVAPDVRPWPRSLANIFDEYTADLGYPLPSNGDLTPWAQRGVLLLNRVLTVRPSNPASHRGKGWEAVT
ECAIRALAARAAPLVAILWGRDASTLKPMLAAGNCVAIESPHPSPLSASRGFFGSRPFSRANELLVGMGAEPIDWRLP
;
_entity_poly.pdbx_strand_id   A
#
loop_
_chem_comp.id
_chem_comp.type
_chem_comp.name
_chem_comp.formula
CIT non-polymer 'CITRIC ACID' 'C6 H8 O7'
EDO non-polymer 1,2-ETHANEDIOL 'C2 H6 O2'
FOT non-polymer '5-FLUORO-2,6-DIOXO-1,2,3,6-TETRAHYDROPYRIMIDINE-4-CARBOXYLIC ACID' 'C5 H3 F N2 O4'
#
# COMPACT_ATOMS: atom_id res chain seq x y z
N SER A 11 -8.06 -5.99 19.00
CA SER A 11 -7.09 -5.40 18.03
C SER A 11 -5.89 -6.34 17.91
N MET A 12 -4.79 -5.88 17.29
CA MET A 12 -3.56 -6.70 17.04
C MET A 12 -2.75 -6.88 18.34
N THR A 13 -3.12 -6.17 19.41
CA THR A 13 -2.70 -6.47 20.80
C THR A 13 -3.39 -7.77 21.25
N ALA A 14 -4.69 -7.90 20.96
CA ALA A 14 -5.59 -8.92 21.56
C ALA A 14 -5.43 -10.27 20.85
N ARG A 15 -5.42 -10.29 19.51
CA ARG A 15 -5.67 -11.54 18.71
C ARG A 15 -4.46 -11.91 17.87
N PRO A 16 -4.32 -13.20 17.51
CA PRO A 16 -3.21 -13.65 16.68
C PRO A 16 -3.50 -13.35 15.19
N LEU A 17 -2.43 -13.37 14.37
CA LEU A 17 -2.47 -13.12 12.91
C LEU A 17 -3.54 -13.99 12.26
N SER A 18 -3.68 -15.25 12.70
CA SER A 18 -4.63 -16.25 12.15
C SER A 18 -6.04 -15.67 12.10
N GLU A 19 -6.36 -14.74 13.01
CA GLU A 19 -7.71 -14.10 13.14
C GLU A 19 -7.74 -12.73 12.43
N LEU A 20 -6.65 -11.97 12.48
CA LEU A 20 -6.57 -10.57 11.97
C LEU A 20 -6.43 -10.53 10.44
N VAL A 21 -5.63 -11.41 9.84
CA VAL A 21 -5.29 -11.34 8.38
C VAL A 21 -5.72 -12.63 7.66
N GLU A 22 -5.60 -12.62 6.34
CA GLU A 22 -5.93 -13.77 5.47
C GLU A 22 -4.87 -14.87 5.69
N ARG A 23 -5.30 -16.14 5.53
CA ARG A 23 -4.53 -17.38 5.83
C ARG A 23 -3.09 -17.28 5.31
N GLY A 24 -2.91 -17.00 4.02
CA GLY A 24 -1.57 -16.87 3.40
C GLY A 24 -0.74 -15.80 4.08
N TRP A 25 -1.34 -14.63 4.32
CA TRP A 25 -0.69 -13.51 5.06
C TRP A 25 -0.34 -13.93 6.49
N ALA A 26 -1.22 -14.63 7.18
CA ALA A 26 -0.96 -15.09 8.57
C ALA A 26 0.36 -15.86 8.60
N ALA A 27 0.55 -16.77 7.64
CA ALA A 27 1.75 -17.62 7.49
C ALA A 27 2.94 -16.76 7.05
N ALA A 28 2.74 -15.90 6.06
CA ALA A 28 3.81 -15.03 5.52
C ALA A 28 4.38 -14.12 6.62
N LEU A 29 3.53 -13.65 7.54
CA LEU A 29 3.92 -12.65 8.59
C LEU A 29 4.30 -13.33 9.91
N GLU A 30 4.40 -14.67 9.95
CA GLU A 30 4.73 -15.40 11.20
C GLU A 30 6.01 -14.85 11.82
N PRO A 31 7.10 -14.61 11.06
CA PRO A 31 8.32 -14.06 11.65
C PRO A 31 8.13 -12.73 12.37
N VAL A 32 7.04 -11.97 12.13
CA VAL A 32 6.82 -10.64 12.76
C VAL A 32 5.54 -10.65 13.60
N ALA A 33 5.04 -11.83 13.97
CA ALA A 33 3.85 -11.99 14.85
C ALA A 33 4.03 -11.14 16.12
N ASP A 34 5.21 -11.23 16.75
CA ASP A 34 5.53 -10.48 17.99
C ASP A 34 5.61 -8.97 17.71
N GLN A 35 6.24 -8.59 16.59
N GLN A 35 6.24 -8.59 16.59
CA GLN A 35 6.40 -7.17 16.17
CA GLN A 35 6.39 -7.16 16.18
C GLN A 35 5.01 -6.56 15.94
C GLN A 35 5.00 -6.56 15.93
N VAL A 36 4.10 -7.34 15.34
CA VAL A 36 2.69 -6.89 15.10
C VAL A 36 2.01 -6.65 16.47
N ALA A 37 2.15 -7.58 17.42
CA ALA A 37 1.62 -7.43 18.79
C ALA A 37 2.25 -6.19 19.43
N HIS A 38 3.57 -6.00 19.26
CA HIS A 38 4.33 -4.83 19.76
C HIS A 38 3.70 -3.56 19.20
N MET A 39 3.30 -3.55 17.93
CA MET A 39 2.73 -2.33 17.32
C MET A 39 1.37 -2.03 17.96
N GLY A 40 0.60 -3.07 18.30
CA GLY A 40 -0.68 -2.93 19.01
C GLY A 40 -0.49 -2.22 20.32
N GLN A 41 0.60 -2.55 21.04
CA GLN A 41 0.97 -1.92 22.34
C GLN A 41 1.41 -0.47 22.10
N PHE A 42 2.22 -0.23 21.07
CA PHE A 42 2.63 1.15 20.70
C PHE A 42 1.35 2.00 20.53
N LEU A 43 0.34 1.49 19.83
CA LEU A 43 -0.87 2.28 19.49
C LEU A 43 -1.70 2.50 20.77
N ARG A 44 -1.75 1.52 21.67
CA ARG A 44 -2.47 1.63 22.96
C ARG A 44 -1.81 2.71 23.82
N ALA A 45 -0.48 2.75 23.82
CA ALA A 45 0.32 3.76 24.57
C ALA A 45 0.05 5.14 23.96
N GLU A 46 -0.15 5.23 22.65
CA GLU A 46 -0.44 6.52 21.98
C GLU A 46 -1.79 7.05 22.50
N ILE A 47 -2.83 6.23 22.50
N ILE A 47 -2.82 6.22 22.49
CA ILE A 47 -4.19 6.61 22.98
CA ILE A 47 -4.18 6.58 22.98
C ILE A 47 -4.08 7.01 24.46
C ILE A 47 -4.10 6.99 24.45
N ALA A 48 -3.40 6.19 25.27
CA ALA A 48 -3.18 6.45 26.72
C ALA A 48 -2.57 7.84 26.93
N ALA A 49 -1.57 8.22 26.13
CA ALA A 49 -0.88 9.53 26.20
C ALA A 49 -1.77 10.64 25.64
N GLY A 50 -2.83 10.28 24.91
CA GLY A 50 -3.84 11.21 24.34
C GLY A 50 -3.50 11.66 22.93
N ARG A 51 -2.62 10.94 22.23
CA ARG A 51 -2.36 11.14 20.79
C ARG A 51 -3.27 10.16 20.04
N ARG A 52 -3.63 10.51 18.82
CA ARG A 52 -4.58 9.73 17.98
C ARG A 52 -3.78 9.02 16.90
N TYR A 53 -4.37 8.05 16.22
CA TYR A 53 -3.75 7.45 15.02
C TYR A 53 -4.82 7.17 13.97
N LEU A 54 -4.35 7.05 12.74
CA LEU A 54 -5.12 6.70 11.53
C LEU A 54 -4.37 5.57 10.84
N PRO A 55 -5.06 4.64 10.15
CA PRO A 55 -6.52 4.60 10.14
C PRO A 55 -7.05 3.98 11.44
N ALA A 56 -8.36 3.75 11.51
CA ALA A 56 -9.02 3.02 12.62
C ALA A 56 -8.31 1.68 12.80
N GLY A 57 -8.17 1.23 14.06
CA GLY A 57 -7.44 0.01 14.44
C GLY A 57 -7.81 -1.18 13.57
N SER A 58 -9.10 -1.38 13.27
CA SER A 58 -9.61 -2.56 12.52
C SER A 58 -9.19 -2.50 11.05
N ASN A 59 -8.71 -1.35 10.56
CA ASN A 59 -8.30 -1.13 9.14
C ASN A 59 -6.77 -1.15 9.00
N VAL A 60 -6.02 -1.07 10.10
CA VAL A 60 -4.53 -0.95 10.03
C VAL A 60 -3.98 -2.06 9.12
N LEU A 61 -4.45 -3.30 9.24
CA LEU A 61 -3.83 -4.46 8.55
C LEU A 61 -4.69 -4.88 7.36
N ARG A 62 -5.53 -4.00 6.84
CA ARG A 62 -6.58 -4.36 5.86
C ARG A 62 -5.94 -4.89 4.57
N ALA A 63 -4.77 -4.40 4.20
CA ALA A 63 -4.09 -4.77 2.93
C ALA A 63 -3.81 -6.27 2.94
N PHE A 64 -3.66 -6.84 4.14
CA PHE A 64 -3.36 -8.29 4.38
C PHE A 64 -4.65 -9.10 4.54
N THR A 65 -5.81 -8.55 4.25
CA THR A 65 -7.10 -9.28 4.31
C THR A 65 -7.50 -9.74 2.91
N PHE A 66 -6.74 -9.36 1.88
CA PHE A 66 -6.88 -9.89 0.49
C PHE A 66 -5.84 -10.99 0.33
N PRO A 67 -6.13 -12.04 -0.47
CA PRO A 67 -5.29 -13.24 -0.50
C PRO A 67 -3.84 -13.04 -0.93
N PHE A 68 -2.94 -13.47 -0.04
CA PHE A 68 -1.47 -13.39 -0.19
C PHE A 68 -1.07 -13.99 -1.55
N ASP A 69 -1.59 -15.17 -1.85
CA ASP A 69 -1.18 -15.97 -3.04
C ASP A 69 -1.68 -15.30 -4.33
N ASN A 70 -2.69 -14.44 -4.25
CA ASN A 70 -3.33 -13.82 -5.44
C ASN A 70 -2.62 -12.50 -5.80
N VAL A 71 -1.63 -12.07 -5.02
CA VAL A 71 -0.95 -10.76 -5.29
C VAL A 71 -0.06 -10.90 -6.53
N ARG A 72 -0.24 -10.02 -7.52
CA ARG A 72 0.62 -9.96 -8.75
C ARG A 72 1.33 -8.61 -8.80
N VAL A 73 0.72 -7.53 -8.28
CA VAL A 73 1.32 -6.17 -8.24
C VAL A 73 1.26 -5.66 -6.80
N LEU A 74 2.37 -5.06 -6.38
CA LEU A 74 2.53 -4.41 -5.06
C LEU A 74 2.67 -2.91 -5.32
N ILE A 75 1.76 -2.10 -4.76
CA ILE A 75 1.91 -0.61 -4.72
C ILE A 75 2.28 -0.26 -3.28
N VAL A 76 3.40 0.44 -3.10
CA VAL A 76 3.88 0.85 -1.75
C VAL A 76 4.00 2.36 -1.72
N GLY A 77 3.25 3.00 -0.82
CA GLY A 77 3.41 4.41 -0.43
C GLY A 77 4.19 4.51 0.87
N GLN A 78 4.13 5.68 1.50
CA GLN A 78 4.94 6.02 2.69
C GLN A 78 4.18 5.64 3.97
N ASP A 79 3.02 6.24 4.14
CA ASP A 79 2.18 6.08 5.34
C ASP A 79 0.77 6.55 5.01
N PRO A 80 -0.22 6.26 5.87
CA PRO A 80 -1.61 6.61 5.59
C PRO A 80 -1.86 8.13 5.48
N TYR A 81 -2.97 8.47 4.81
CA TYR A 81 -3.54 9.84 4.76
C TYR A 81 -3.55 10.41 6.18
N PRO A 82 -3.01 11.61 6.40
CA PRO A 82 -3.03 12.24 7.73
C PRO A 82 -4.35 12.94 8.11
N THR A 83 -5.26 13.12 7.14
CA THR A 83 -6.58 13.79 7.36
C THR A 83 -7.57 12.78 7.89
N PRO A 84 -8.22 13.06 9.05
CA PRO A 84 -9.25 12.18 9.58
C PRO A 84 -10.34 12.00 8.51
N GLY A 85 -10.84 10.77 8.35
CA GLY A 85 -11.89 10.43 7.37
C GLY A 85 -11.34 9.95 6.03
N HIS A 86 -10.02 9.95 5.81
CA HIS A 86 -9.41 9.57 4.51
C HIS A 86 -8.88 8.13 4.54
N ALA A 87 -7.89 7.83 5.40
CA ALA A 87 -7.17 6.54 5.43
C ALA A 87 -8.13 5.40 5.75
N VAL A 88 -8.07 4.30 4.98
CA VAL A 88 -8.94 3.10 5.16
C VAL A 88 -8.12 1.81 5.22
N GLY A 89 -6.80 1.86 5.39
CA GLY A 89 -5.96 0.65 5.53
C GLY A 89 -5.48 0.10 4.19
N LEU A 90 -5.97 0.68 3.09
CA LEU A 90 -5.49 0.41 1.71
C LEU A 90 -4.78 1.67 1.19
N SER A 91 -3.50 1.57 0.80
CA SER A 91 -2.68 2.76 0.44
C SER A 91 -3.41 3.54 -0.67
N PHE A 92 -3.65 4.84 -0.43
CA PHE A 92 -4.16 5.86 -1.39
C PHE A 92 -5.69 5.75 -1.56
N SER A 93 -6.33 4.71 -1.01
CA SER A 93 -7.79 4.49 -1.15
C SER A 93 -8.56 5.38 -0.18
N VAL A 94 -9.74 5.83 -0.58
CA VAL A 94 -10.70 6.55 0.30
C VAL A 94 -12.07 5.88 0.14
N ALA A 95 -12.93 6.09 1.12
CA ALA A 95 -14.33 5.58 1.14
C ALA A 95 -15.03 6.11 -0.10
N PRO A 96 -15.94 5.33 -0.74
CA PRO A 96 -16.59 5.77 -1.98
C PRO A 96 -17.32 7.13 -1.88
N ASP A 97 -17.66 7.60 -0.67
CA ASP A 97 -18.42 8.87 -0.47
C ASP A 97 -17.47 10.05 -0.19
N VAL A 98 -16.14 9.86 -0.29
CA VAL A 98 -15.18 10.97 0.04
C VAL A 98 -15.02 11.90 -1.17
N ARG A 99 -15.19 13.21 -0.94
CA ARG A 99 -14.89 14.29 -1.90
C ARG A 99 -14.66 15.59 -1.13
N PRO A 100 -13.73 16.46 -1.57
CA PRO A 100 -12.85 16.18 -2.71
C PRO A 100 -11.85 15.05 -2.43
N TRP A 101 -11.25 14.50 -3.48
CA TRP A 101 -10.18 13.48 -3.35
C TRP A 101 -8.95 14.16 -2.76
N PRO A 102 -8.17 13.48 -1.89
CA PRO A 102 -6.88 14.03 -1.45
C PRO A 102 -5.96 14.22 -2.66
N ARG A 103 -5.04 15.17 -2.59
CA ARG A 103 -4.26 15.66 -3.75
C ARG A 103 -3.46 14.51 -4.39
N SER A 104 -2.83 13.65 -3.57
N SER A 104 -2.84 13.64 -3.58
CA SER A 104 -2.08 12.46 -4.01
CA SER A 104 -2.07 12.47 -4.05
C SER A 104 -2.96 11.61 -4.94
C SER A 104 -2.94 11.57 -4.93
N LEU A 105 -4.16 11.26 -4.49
CA LEU A 105 -5.12 10.46 -5.28
C LEU A 105 -5.53 11.21 -6.56
N ALA A 106 -5.74 12.52 -6.50
CA ALA A 106 -6.06 13.33 -7.71
C ALA A 106 -4.91 13.15 -8.71
N ASN A 107 -3.66 13.19 -8.23
CA ASN A 107 -2.44 13.05 -9.06
C ASN A 107 -2.36 11.63 -9.62
N ILE A 108 -2.63 10.61 -8.79
CA ILE A 108 -2.64 9.18 -9.23
C ILE A 108 -3.66 9.02 -10.37
N PHE A 109 -4.87 9.56 -10.23
CA PHE A 109 -5.97 9.37 -11.24
C PHE A 109 -5.66 10.14 -12.53
N ASP A 110 -5.02 11.30 -12.39
N ASP A 110 -5.02 11.30 -12.42
CA ASP A 110 -4.50 12.11 -13.52
CA ASP A 110 -4.53 12.07 -13.61
C ASP A 110 -3.52 11.26 -14.35
C ASP A 110 -3.52 11.22 -14.37
N GLU A 111 -2.62 10.55 -13.68
CA GLU A 111 -1.62 9.66 -14.33
C GLU A 111 -2.35 8.43 -14.89
N TYR A 112 -3.34 7.91 -14.17
CA TYR A 112 -4.18 6.75 -14.56
C TYR A 112 -4.84 7.04 -15.92
N THR A 113 -5.44 8.22 -16.09
CA THR A 113 -6.15 8.60 -17.35
C THR A 113 -5.10 8.80 -18.46
N ALA A 114 -4.03 9.56 -18.18
CA ALA A 114 -2.93 9.80 -19.14
C ALA A 114 -2.38 8.45 -19.63
N ASP A 115 -2.11 7.51 -18.72
CA ASP A 115 -1.39 6.25 -18.98
C ASP A 115 -2.29 5.27 -19.74
N LEU A 116 -3.52 5.06 -19.26
CA LEU A 116 -4.40 3.95 -19.69
C LEU A 116 -5.52 4.43 -20.61
N GLY A 117 -5.78 5.74 -20.63
CA GLY A 117 -6.78 6.33 -21.53
C GLY A 117 -8.21 6.21 -21.00
N TYR A 118 -8.37 5.68 -19.79
CA TYR A 118 -9.70 5.53 -19.13
C TYR A 118 -10.21 6.90 -18.70
N PRO A 119 -11.54 7.05 -18.52
CA PRO A 119 -12.08 8.25 -17.89
C PRO A 119 -11.66 8.31 -16.41
N LEU A 120 -11.65 9.51 -15.82
CA LEU A 120 -11.57 9.73 -14.35
C LEU A 120 -12.50 8.75 -13.67
N PRO A 121 -11.99 8.04 -12.63
CA PRO A 121 -12.86 7.23 -11.77
C PRO A 121 -13.99 8.07 -11.20
N SER A 122 -15.12 7.42 -10.93
CA SER A 122 -16.32 7.97 -10.25
C SER A 122 -15.98 8.38 -8.82
N ASN A 123 -15.05 7.68 -8.17
CA ASN A 123 -14.68 7.99 -6.76
C ASN A 123 -13.28 7.46 -6.46
N GLY A 124 -12.82 7.63 -5.22
CA GLY A 124 -11.45 7.27 -4.82
C GLY A 124 -11.36 5.91 -4.16
N ASP A 125 -12.33 5.03 -4.42
CA ASP A 125 -12.38 3.66 -3.82
C ASP A 125 -11.54 2.71 -4.68
N LEU A 126 -10.42 2.23 -4.14
CA LEU A 126 -9.44 1.39 -4.90
C LEU A 126 -9.67 -0.11 -4.65
N THR A 127 -10.70 -0.50 -3.89
N THR A 127 -10.71 -0.47 -3.89
CA THR A 127 -10.86 -1.93 -3.50
CA THR A 127 -11.02 -1.87 -3.50
C THR A 127 -10.94 -2.83 -4.74
C THR A 127 -10.94 -2.79 -4.72
N PRO A 128 -11.43 -2.40 -5.93
CA PRO A 128 -11.35 -3.26 -7.10
C PRO A 128 -9.91 -3.73 -7.41
N TRP A 129 -8.93 -2.81 -7.31
CA TRP A 129 -7.49 -3.15 -7.41
C TRP A 129 -7.11 -4.22 -6.40
N ALA A 130 -7.50 -4.07 -5.12
CA ALA A 130 -7.20 -5.05 -4.04
C ALA A 130 -7.89 -6.39 -4.36
N GLN A 131 -9.13 -6.36 -4.85
CA GLN A 131 -9.89 -7.59 -5.23
C GLN A 131 -9.29 -8.26 -6.47
N ARG A 132 -8.38 -7.61 -7.21
CA ARG A 132 -7.80 -8.10 -8.50
C ARG A 132 -6.29 -8.36 -8.39
N GLY A 133 -5.75 -8.49 -7.18
CA GLY A 133 -4.37 -8.96 -6.97
C GLY A 133 -3.38 -7.83 -6.84
N VAL A 134 -3.83 -6.61 -6.54
CA VAL A 134 -2.95 -5.44 -6.26
C VAL A 134 -2.89 -5.26 -4.74
N LEU A 135 -1.69 -5.40 -4.17
CA LEU A 135 -1.46 -5.12 -2.73
C LEU A 135 -1.24 -3.61 -2.58
N LEU A 136 -2.14 -2.96 -1.85
CA LEU A 136 -2.10 -1.51 -1.59
C LEU A 136 -1.49 -1.30 -0.21
N LEU A 137 -0.17 -1.26 -0.19
CA LEU A 137 0.67 -1.27 1.02
C LEU A 137 1.24 0.14 1.25
N ASN A 138 1.47 0.48 2.50
CA ASN A 138 2.28 1.64 2.94
C ASN A 138 3.45 1.05 3.74
N ARG A 139 4.63 1.65 3.62
CA ARG A 139 5.85 1.24 4.35
C ARG A 139 5.59 1.24 5.86
N VAL A 140 4.81 2.23 6.33
CA VAL A 140 4.40 2.44 7.74
C VAL A 140 2.87 2.50 7.72
N LEU A 141 2.20 1.75 8.60
CA LEU A 141 0.75 1.43 8.47
C LEU A 141 -0.11 2.31 9.38
N THR A 142 0.51 3.17 10.19
CA THR A 142 -0.25 4.18 10.98
C THR A 142 0.44 5.55 10.88
N VAL A 143 -0.33 6.58 11.21
CA VAL A 143 0.15 7.99 11.27
C VAL A 143 -0.68 8.71 12.36
N ARG A 144 -0.07 9.69 13.00
CA ARG A 144 -0.80 10.64 13.87
C ARG A 144 -1.50 11.64 12.96
N PRO A 145 -2.80 11.95 13.20
CA PRO A 145 -3.51 12.93 12.38
C PRO A 145 -2.73 14.24 12.18
N SER A 146 -2.74 14.75 10.95
CA SER A 146 -2.15 16.03 10.49
C SER A 146 -0.62 16.02 10.58
N ASN A 147 0.02 14.87 10.81
CA ASN A 147 1.50 14.79 10.98
C ASN A 147 2.07 13.70 10.09
N PRO A 148 2.21 13.96 8.77
CA PRO A 148 2.84 12.98 7.90
C PRO A 148 4.16 12.45 8.49
N ALA A 149 4.37 11.14 8.41
CA ALA A 149 5.64 10.44 8.74
C ALA A 149 5.82 10.36 10.25
N SER A 150 4.78 10.69 11.03
CA SER A 150 4.88 10.83 12.51
C SER A 150 5.17 9.46 13.12
N HIS A 151 4.86 8.35 12.44
CA HIS A 151 5.12 6.98 12.98
C HIS A 151 6.28 6.30 12.25
N ARG A 152 7.03 7.02 11.40
CA ARG A 152 8.30 6.50 10.83
C ARG A 152 9.19 6.05 11.99
N GLY A 153 9.82 4.88 11.86
CA GLY A 153 10.82 4.36 12.81
C GLY A 153 10.23 3.87 14.12
N LYS A 154 8.92 3.60 14.17
CA LYS A 154 8.23 3.10 15.39
C LYS A 154 8.01 1.58 15.32
N GLY A 155 8.45 0.90 14.25
CA GLY A 155 8.48 -0.57 14.21
C GLY A 155 7.65 -1.19 13.09
N TRP A 156 6.86 -0.43 12.34
CA TRP A 156 6.11 -0.96 11.15
C TRP A 156 7.06 -1.44 10.05
N GLU A 157 8.27 -0.86 9.95
CA GLU A 157 9.19 -1.12 8.83
C GLU A 157 9.55 -2.60 8.78
N ALA A 158 9.81 -3.23 9.92
CA ALA A 158 10.10 -4.67 10.02
C ALA A 158 8.92 -5.48 9.45
N VAL A 159 7.68 -5.04 9.71
CA VAL A 159 6.45 -5.77 9.29
C VAL A 159 6.32 -5.71 7.76
N THR A 160 6.44 -4.54 7.16
CA THR A 160 6.29 -4.35 5.70
C THR A 160 7.51 -4.95 4.98
N GLU A 161 8.69 -4.95 5.62
CA GLU A 161 9.90 -5.63 5.06
C GLU A 161 9.62 -7.14 4.96
N CYS A 162 9.08 -7.74 6.01
CA CYS A 162 8.74 -9.18 6.07
C CYS A 162 7.71 -9.52 5.00
N ALA A 163 6.65 -8.71 4.92
CA ALA A 163 5.57 -8.81 3.92
C ALA A 163 6.18 -8.89 2.51
N ILE A 164 7.15 -8.03 2.20
CA ILE A 164 7.81 -7.93 0.86
C ILE A 164 8.72 -9.15 0.62
N ARG A 165 9.58 -9.51 1.57
CA ARG A 165 10.43 -10.72 1.48
C ARG A 165 9.57 -11.93 1.14
N ALA A 166 8.46 -12.09 1.86
CA ALA A 166 7.53 -13.24 1.76
C ALA A 166 6.93 -13.29 0.36
N LEU A 167 6.43 -12.16 -0.15
CA LEU A 167 5.86 -12.07 -1.53
C LEU A 167 6.93 -12.51 -2.53
N ALA A 168 8.15 -11.97 -2.43
CA ALA A 168 9.29 -12.19 -3.35
C ALA A 168 9.76 -13.65 -3.30
N ALA A 169 9.50 -14.37 -2.21
CA ALA A 169 9.87 -15.81 -2.03
C ALA A 169 8.80 -16.72 -2.63
N ARG A 170 7.60 -16.22 -2.93
CA ARG A 170 6.54 -17.05 -3.55
C ARG A 170 7.05 -17.58 -4.90
N ALA A 171 6.67 -18.82 -5.24
CA ALA A 171 6.77 -19.38 -6.60
C ALA A 171 5.72 -18.69 -7.49
N ALA A 172 5.84 -17.39 -7.70
CA ALA A 172 4.84 -16.59 -8.45
C ALA A 172 5.47 -15.30 -8.99
N PRO A 173 4.96 -14.77 -10.12
CA PRO A 173 5.43 -13.47 -10.62
C PRO A 173 4.90 -12.32 -9.74
N LEU A 174 5.70 -11.26 -9.68
CA LEU A 174 5.43 -10.04 -8.87
C LEU A 174 6.04 -8.83 -9.58
N VAL A 175 5.29 -7.73 -9.63
CA VAL A 175 5.78 -6.38 -10.01
C VAL A 175 5.53 -5.43 -8.83
N ALA A 176 6.54 -4.65 -8.47
CA ALA A 176 6.47 -3.67 -7.36
C ALA A 176 6.49 -2.24 -7.93
N ILE A 177 5.52 -1.44 -7.52
CA ILE A 177 5.47 0.02 -7.80
C ILE A 177 5.76 0.70 -6.47
N LEU A 178 6.96 1.28 -6.34
CA LEU A 178 7.43 1.94 -5.10
C LEU A 178 7.33 3.45 -5.30
N TRP A 179 6.41 4.08 -4.58
CA TRP A 179 6.10 5.53 -4.69
C TRP A 179 6.73 6.28 -3.53
N GLY A 180 7.90 6.88 -3.80
CA GLY A 180 8.57 7.79 -2.87
C GLY A 180 9.68 7.09 -2.12
N ARG A 181 10.35 7.86 -1.26
CA ARG A 181 11.69 7.52 -0.72
C ARG A 181 11.56 6.39 0.31
N ASP A 182 10.53 6.40 1.17
CA ASP A 182 10.36 5.34 2.21
C ASP A 182 10.02 4.00 1.54
N ALA A 183 9.12 3.99 0.56
CA ALA A 183 8.76 2.80 -0.26
C ALA A 183 10.03 2.21 -0.91
N SER A 184 10.92 3.06 -1.44
CA SER A 184 12.12 2.58 -2.19
C SER A 184 13.06 1.78 -1.28
N THR A 185 13.00 1.89 0.04
CA THR A 185 13.91 1.13 0.95
C THR A 185 13.53 -0.35 0.97
N LEU A 186 12.48 -0.76 0.25
CA LEU A 186 12.13 -2.19 0.05
C LEU A 186 12.87 -2.76 -1.17
N LYS A 187 13.50 -1.89 -1.97
CA LYS A 187 14.21 -2.23 -3.24
C LYS A 187 15.20 -3.38 -3.01
N PRO A 188 16.08 -3.33 -1.98
CA PRO A 188 17.01 -4.44 -1.72
C PRO A 188 16.31 -5.79 -1.51
N MET A 189 15.19 -5.85 -0.78
CA MET A 189 14.46 -7.12 -0.48
C MET A 189 13.74 -7.63 -1.74
N LEU A 190 13.64 -6.81 -2.78
CA LEU A 190 13.20 -7.22 -4.13
C LEU A 190 14.45 -7.44 -4.99
N ALA A 191 15.13 -8.57 -4.83
CA ALA A 191 16.29 -9.04 -5.63
C ALA A 191 15.94 -10.35 -6.34
N ALA A 192 14.99 -11.12 -5.79
CA ALA A 192 14.38 -12.34 -6.39
C ALA A 192 14.12 -12.14 -7.89
N GLY A 193 14.34 -13.19 -8.68
CA GLY A 193 14.30 -13.16 -10.16
C GLY A 193 12.89 -13.07 -10.73
N ASN A 194 11.89 -13.55 -9.99
CA ASN A 194 10.44 -13.55 -10.36
C ASN A 194 9.80 -12.20 -10.00
N CYS A 195 10.59 -11.22 -9.54
CA CYS A 195 10.16 -9.88 -9.07
C CYS A 195 10.89 -8.77 -9.84
N VAL A 196 10.16 -7.74 -10.25
CA VAL A 196 10.74 -6.53 -10.91
C VAL A 196 10.16 -5.28 -10.22
N ALA A 197 11.00 -4.29 -9.94
CA ALA A 197 10.63 -3.04 -9.24
C ALA A 197 10.51 -1.90 -10.27
N ILE A 198 9.37 -1.22 -10.28
CA ILE A 198 9.17 0.16 -10.84
C ILE A 198 9.38 1.15 -9.69
N GLU A 199 10.36 2.06 -9.82
CA GLU A 199 10.60 3.15 -8.83
C GLU A 199 10.32 4.53 -9.45
N SER A 200 9.58 5.37 -8.72
N SER A 200 9.60 5.37 -8.70
CA SER A 200 9.28 6.78 -9.10
CA SER A 200 9.23 6.76 -9.08
C SER A 200 9.19 7.65 -7.85
C SER A 200 9.19 7.65 -7.85
N PRO A 201 9.17 9.00 -8.03
CA PRO A 201 8.81 9.91 -6.95
C PRO A 201 7.33 9.72 -6.56
N HIS A 202 7.03 10.05 -5.31
CA HIS A 202 5.69 9.99 -4.70
C HIS A 202 4.72 10.84 -5.53
N PRO A 203 3.44 10.41 -5.69
CA PRO A 203 2.43 11.26 -6.33
C PRO A 203 2.05 12.53 -5.55
N SER A 204 2.48 12.68 -4.30
CA SER A 204 2.31 13.90 -3.48
C SER A 204 2.74 15.12 -4.27
N PRO A 205 1.97 16.25 -4.21
CA PRO A 205 2.34 17.50 -4.89
C PRO A 205 3.79 17.96 -4.71
N LEU A 206 4.42 17.63 -3.58
CA LEU A 206 5.79 18.08 -3.26
C LEU A 206 6.79 17.45 -4.23
N SER A 207 6.50 16.23 -4.73
CA SER A 207 7.45 15.37 -5.49
C SER A 207 6.90 14.92 -6.86
N ALA A 208 5.58 15.00 -7.10
CA ALA A 208 4.90 14.48 -8.31
C ALA A 208 5.61 14.94 -9.59
N SER A 209 5.91 16.25 -9.69
N SER A 209 5.92 16.24 -9.66
CA SER A 209 6.52 16.89 -10.88
CA SER A 209 6.54 16.95 -10.82
C SER A 209 7.99 16.46 -11.07
C SER A 209 7.97 16.44 -11.07
N ARG A 210 8.58 15.76 -10.09
CA ARG A 210 9.97 15.24 -10.20
C ARG A 210 10.00 13.95 -11.04
N GLY A 211 8.86 13.49 -11.54
CA GLY A 211 8.81 12.30 -12.42
C GLY A 211 7.67 11.35 -12.09
N PHE A 212 6.73 11.69 -11.21
CA PHE A 212 5.51 10.86 -11.09
C PHE A 212 4.71 10.98 -12.39
N PHE A 213 4.40 12.21 -12.80
CA PHE A 213 3.61 12.46 -14.03
C PHE A 213 4.40 11.89 -15.21
N GLY A 214 3.73 11.13 -16.07
CA GLY A 214 4.32 10.46 -17.24
C GLY A 214 5.13 9.23 -16.88
N SER A 215 5.06 8.72 -15.65
CA SER A 215 5.80 7.49 -15.24
C SER A 215 5.13 6.22 -15.81
N ARG A 216 3.83 6.28 -16.15
CA ARG A 216 3.07 5.18 -16.78
C ARG A 216 3.25 3.89 -15.97
N PRO A 217 3.01 3.90 -14.65
CA PRO A 217 3.26 2.72 -13.83
C PRO A 217 2.30 1.56 -14.14
N PHE A 218 1.08 1.87 -14.59
CA PHE A 218 -0.02 0.88 -14.71
C PHE A 218 0.23 0.03 -15.97
N SER A 219 0.51 0.69 -17.09
CA SER A 219 0.81 0.02 -18.39
CA SER A 219 0.81 0.02 -18.39
C SER A 219 2.14 -0.74 -18.28
N ARG A 220 3.14 -0.14 -17.61
CA ARG A 220 4.47 -0.80 -17.46
C ARG A 220 4.32 -2.05 -16.60
N ALA A 221 3.60 -1.98 -15.47
CA ALA A 221 3.30 -3.14 -14.61
C ALA A 221 2.75 -4.29 -15.48
N ASN A 222 1.78 -3.98 -16.34
CA ASN A 222 1.07 -5.00 -17.14
C ASN A 222 2.00 -5.60 -18.19
N GLU A 223 2.83 -4.78 -18.84
CA GLU A 223 3.87 -5.26 -19.79
C GLU A 223 4.82 -6.21 -19.05
N LEU A 224 5.22 -5.84 -17.83
CA LEU A 224 6.15 -6.67 -17.01
C LEU A 224 5.47 -7.99 -16.64
N LEU A 225 4.23 -7.95 -16.16
CA LEU A 225 3.45 -9.18 -15.85
C LEU A 225 3.36 -10.08 -17.10
N VAL A 226 2.96 -9.52 -18.24
CA VAL A 226 2.79 -10.29 -19.50
C VAL A 226 4.13 -10.96 -19.85
N GLY A 227 5.23 -10.21 -19.78
CA GLY A 227 6.61 -10.69 -20.00
C GLY A 227 7.01 -11.88 -19.12
N MET A 228 6.35 -12.08 -17.97
CA MET A 228 6.64 -13.20 -17.04
C MET A 228 5.53 -14.25 -17.12
N GLY A 229 4.69 -14.21 -18.17
CA GLY A 229 3.59 -15.16 -18.39
C GLY A 229 2.49 -15.04 -17.35
N ALA A 230 2.33 -13.87 -16.72
CA ALA A 230 1.26 -13.59 -15.73
C ALA A 230 0.12 -12.82 -16.42
N GLU A 231 -1.08 -12.89 -15.85
CA GLU A 231 -2.25 -12.12 -16.32
C GLU A 231 -2.03 -10.65 -15.96
N PRO A 232 -2.27 -9.70 -16.88
CA PRO A 232 -2.17 -8.28 -16.55
C PRO A 232 -3.26 -7.92 -15.53
N ILE A 233 -3.09 -6.81 -14.81
CA ILE A 233 -4.15 -6.29 -13.89
C ILE A 233 -5.18 -5.57 -14.77
N ASP A 234 -6.47 -5.71 -14.47
CA ASP A 234 -7.55 -4.83 -15.00
C ASP A 234 -7.61 -3.63 -14.05
N TRP A 235 -6.98 -2.52 -14.45
CA TRP A 235 -6.87 -1.28 -13.64
C TRP A 235 -8.17 -0.46 -13.66
N ARG A 236 -9.06 -0.71 -14.62
N ARG A 236 -9.06 -0.73 -14.62
CA ARG A 236 -10.28 0.11 -14.85
CA ARG A 236 -10.32 0.04 -14.84
C ARG A 236 -11.15 0.14 -13.59
C ARG A 236 -11.13 0.12 -13.54
N LEU A 237 -11.38 1.33 -13.07
CA LEU A 237 -12.31 1.60 -11.94
C LEU A 237 -13.62 2.10 -12.55
N PRO A 238 -14.78 1.84 -11.91
CA PRO A 238 -16.03 2.43 -12.38
C PRO A 238 -16.05 3.95 -12.16
C2 FOT B . 1.19 7.63 0.84
C6 FOT B . -1.05 6.78 1.38
C5 FOT B . -1.48 8.09 1.46
O2 FOT B . 2.36 7.40 0.58
N3 FOT B . 0.70 8.91 0.91
N1 FOT B . 0.28 6.63 1.08
O6 FOT B . -1.76 5.81 1.61
F5 FOT B . -2.78 8.30 1.74
C4 FOT B . -0.61 9.17 1.22
C41 FOT B . -1.03 10.62 1.28
O42 FOT B . -1.27 11.19 0.22
O41 FOT B . -1.06 11.13 2.39
C1 CIT C . 9.14 16.28 0.24
O1 CIT C . 10.05 17.15 0.17
O2 CIT C . 8.21 16.30 1.07
C2 CIT C . 9.18 15.13 -0.76
C3 CIT C . 8.90 13.73 -0.20
O7 CIT C . 7.55 13.66 0.23
C4 CIT C . 9.10 12.69 -1.32
C5 CIT C . 9.11 11.24 -0.88
O3 CIT C . 9.60 10.42 -1.66
O4 CIT C . 8.65 10.92 0.22
C6 CIT C . 9.86 13.43 0.99
O5 CIT C . 11.10 13.41 0.76
O6 CIT C . 9.35 13.19 2.11
C1 EDO D . -10.37 -11.10 -2.40
O1 EDO D . -10.06 -11.10 -3.78
C2 EDO D . -11.62 -10.36 -2.07
O2 EDO D . -11.99 -10.52 -0.71
C1 EDO E . -12.80 11.70 -17.42
O1 EDO E . -13.93 12.52 -17.36
C2 EDO E . -11.71 12.21 -18.30
O2 EDO E . -11.03 11.17 -19.01
#